data_4J49
#
_entry.id   4J49
#
_cell.length_a   81.2800
_cell.length_b   211.4500
_cell.length_c   77.2600
_cell.angle_alpha   90
_cell.angle_beta   90
_cell.angle_gamma   90
#
_symmetry.space_group_name_H-M   'C 2 2 21'
#
loop_
_entity.id
_entity.type
_entity.pdbx_description
1 polymer PylD
2 non-polymer NICOTINAMIDE-ADENINE-DINUCLEOTIDE
3 non-polymer 'SODIUM ION'
4 non-polymer 'MAGNESIUM ION'
5 non-polymer '1,4-DIHYDRONICOTINAMIDE ADENINE DINUCLEOTIDE'
6 non-polymer N~6~-[(2R)-3,4-dihydro-2H-pyrrol-2-ylcarbonyl]-L-lysine
7 water water
#
_entity_poly.entity_id   1
_entity_poly.type   'polypeptide(L)'
_entity_poly.pdbx_seq_one_letter_code
;MALLTPDDLININMQLQKADSAVQEVTGLDIKGICKALYGTFSSSEKVGIVPVTSGNGIIGNFSASLHAITQYFGFDSFV
TDMPDVSGYYEAVQNGAEIILMADDRTFLAHNLKNGKMANNQPCTGIIYAEIASRYLKADSKDVLVVGLGKVGFPGAEHL
VQKDFRVYGYDADETLLERATSNLGIIPFDPANPKKFSIIFEATPCANTIPEAVLSENCVLSTPGIPCAISEELRDKYEV
QLIAEPLGIGTASMLYSVL
;
_entity_poly.pdbx_strand_id   A,B
#
loop_
_chem_comp.id
_chem_comp.type
_chem_comp.name
_chem_comp.formula
1J1 non-polymer N~6~-[(2R)-3,4-dihydro-2H-pyrrol-2-ylcarbonyl]-L-lysine 'C11 H19 N3 O3'
MG non-polymer 'MAGNESIUM ION' 'Mg 2'
NA non-polymer 'SODIUM ION' 'Na 1'
NAD non-polymer NICOTINAMIDE-ADENINE-DINUCLEOTIDE 'C21 H27 N7 O14 P2'
NAI non-polymer '1,4-DIHYDRONICOTINAMIDE ADENINE DINUCLEOTIDE' 'C21 H29 N7 O14 P2'
#
# COMPACT_ATOMS: atom_id res chain seq x y z
N LEU A 4 -6.22 8.49 1.28
CA LEU A 4 -7.20 7.39 1.53
C LEU A 4 -7.42 7.16 3.02
N THR A 5 -8.68 6.92 3.39
CA THR A 5 -9.03 6.54 4.76
C THR A 5 -8.62 5.08 4.98
N PRO A 6 -8.47 4.66 6.27
CA PRO A 6 -8.19 3.26 6.59
C PRO A 6 -9.14 2.28 5.89
N ASP A 7 -10.43 2.61 5.85
CA ASP A 7 -11.44 1.78 5.18
C ASP A 7 -11.15 1.59 3.69
N ASP A 8 -10.79 2.67 3.01
CA ASP A 8 -10.50 2.65 1.57
C ASP A 8 -9.34 1.71 1.23
N LEU A 9 -8.29 1.74 2.05
CA LEU A 9 -7.13 0.87 1.88
C LEU A 9 -7.49 -0.60 2.06
N ILE A 10 -8.29 -0.90 3.08
CA ILE A 10 -8.80 -2.25 3.30
C ILE A 10 -9.59 -2.72 2.07
N ASN A 11 -10.48 -1.84 1.58
CA ASN A 11 -11.33 -2.14 0.44
C ASN A 11 -10.59 -2.46 -0.85
N ILE A 12 -9.51 -1.73 -1.13
CA ILE A 12 -8.69 -1.96 -2.33
C ILE A 12 -8.07 -3.35 -2.32
N ASN A 13 -7.39 -3.70 -1.23
CA ASN A 13 -6.79 -5.02 -1.08
C ASN A 13 -7.84 -6.15 -1.08
N MET A 14 -8.95 -5.92 -0.39
CA MET A 14 -10.05 -6.89 -0.33
C MET A 14 -10.62 -7.17 -1.73
N GLN A 15 -10.87 -6.10 -2.48
CA GLN A 15 -11.44 -6.20 -3.83
C GLN A 15 -10.50 -6.94 -4.78
N LEU A 16 -9.21 -6.67 -4.67
CA LEU A 16 -8.20 -7.33 -5.50
C LEU A 16 -8.05 -8.82 -5.19
N GLN A 17 -8.06 -9.16 -3.90
CA GLN A 17 -8.01 -10.56 -3.47
C GLN A 17 -9.25 -11.32 -3.90
N LYS A 18 -10.42 -10.68 -3.73
CA LYS A 18 -11.69 -11.24 -4.16
C LYS A 18 -11.71 -11.42 -5.68
N ALA A 19 -11.22 -10.41 -6.40
CA ALA A 19 -11.12 -10.47 -7.86
C ALA A 19 -10.17 -11.58 -8.31
N ASP A 20 -9.04 -11.73 -7.62
CA ASP A 20 -8.09 -12.81 -7.89
C ASP A 20 -8.70 -14.20 -7.74
N SER A 21 -9.48 -14.40 -6.69
CA SER A 21 -10.16 -15.67 -6.43
C SER A 21 -11.19 -15.98 -7.51
N ALA A 22 -12.02 -14.98 -7.84
CA ALA A 22 -13.06 -15.12 -8.85
C ALA A 22 -12.47 -15.45 -10.23
N VAL A 23 -11.40 -14.76 -10.60
CA VAL A 23 -10.69 -15.00 -11.86
C VAL A 23 -10.08 -16.41 -11.89
N GLN A 24 -9.48 -16.82 -10.76
CA GLN A 24 -8.90 -18.16 -10.64
C GLN A 24 -9.95 -19.26 -10.73
N GLU A 25 -11.10 -19.04 -10.09
CA GLU A 25 -12.23 -19.97 -10.15
C GLU A 25 -12.73 -20.13 -11.59
N VAL A 26 -12.81 -19.01 -12.32
CA VAL A 26 -13.36 -18.99 -13.67
C VAL A 26 -12.37 -19.53 -14.72
N THR A 27 -11.11 -19.11 -14.63
CA THR A 27 -10.13 -19.39 -15.68
C THR A 27 -9.04 -20.40 -15.30
N GLY A 28 -8.86 -20.64 -14.00
CA GLY A 28 -7.77 -21.49 -13.51
C GLY A 28 -6.47 -20.73 -13.30
N LEU A 29 -6.49 -19.43 -13.59
CA LEU A 29 -5.34 -18.55 -13.40
C LEU A 29 -5.75 -17.30 -12.64
N ASP A 30 -4.79 -16.72 -11.90
CA ASP A 30 -5.02 -15.44 -11.26
C ASP A 30 -4.81 -14.30 -12.27
N ILE A 31 -5.01 -13.05 -11.83
CA ILE A 31 -4.90 -11.88 -12.72
C ILE A 31 -3.52 -11.77 -13.37
N LYS A 32 -2.49 -12.00 -12.56
CA LYS A 32 -1.11 -12.05 -13.03
C LYS A 32 -0.92 -13.10 -14.13
N GLY A 33 -1.47 -14.29 -13.90
CA GLY A 33 -1.42 -15.39 -14.87
C GLY A 33 -2.13 -15.05 -16.18
N ILE A 34 -3.31 -14.45 -16.07
CA ILE A 34 -4.05 -13.96 -17.24
C ILE A 34 -3.22 -12.96 -18.04
N CYS A 35 -2.65 -11.97 -17.33
CA CYS A 35 -1.81 -10.93 -17.94
C CYS A 35 -0.59 -11.50 -18.66
N LYS A 36 0.11 -12.44 -18.02
CA LYS A 36 1.31 -13.05 -18.60
C LYS A 36 0.99 -13.83 -19.87
N ALA A 37 -0.13 -14.54 -19.88
CA ALA A 37 -0.56 -15.32 -21.05
C ALA A 37 -1.11 -14.43 -22.17
N LEU A 38 -1.79 -13.35 -21.79
CA LEU A 38 -2.36 -12.40 -22.75
C LEU A 38 -1.27 -11.69 -23.55
N TYR A 39 -0.22 -11.26 -22.84
CA TYR A 39 0.78 -10.37 -23.43
C TYR A 39 2.13 -11.04 -23.70
N GLY A 40 2.39 -12.15 -23.02
CA GLY A 40 3.67 -12.85 -23.18
C GLY A 40 4.80 -12.15 -22.44
N THR A 41 4.43 -11.32 -21.46
CA THR A 41 5.40 -10.55 -20.69
C THR A 41 5.44 -11.05 -19.24
N PHE A 42 6.55 -10.77 -18.58
CA PHE A 42 6.71 -11.07 -17.16
C PHE A 42 7.23 -9.84 -16.43
N SER A 43 6.87 -9.71 -15.16
CA SER A 43 7.28 -8.57 -14.35
C SER A 43 8.59 -8.82 -13.61
N SER A 44 9.46 -7.82 -13.61
CA SER A 44 10.71 -7.86 -12.85
C SER A 44 10.69 -6.80 -11.74
N SER A 45 9.50 -6.54 -11.21
CA SER A 45 9.28 -5.50 -10.20
C SER A 45 9.81 -4.13 -10.65
N GLU A 46 9.46 -3.75 -11.88
CA GLU A 46 9.87 -2.46 -12.46
C GLU A 46 9.49 -1.28 -11.58
N LYS A 47 10.32 -0.23 -11.61
CA LYS A 47 10.04 0.98 -10.86
C LYS A 47 9.00 1.83 -11.59
N VAL A 48 7.85 2.03 -10.95
CA VAL A 48 6.77 2.83 -11.56
C VAL A 48 6.47 4.11 -10.79
N GLY A 49 6.57 5.22 -11.51
CA GLY A 49 6.29 6.53 -10.95
C GLY A 49 4.85 6.92 -11.25
N ILE A 50 4.08 7.10 -10.18
CA ILE A 50 2.70 7.54 -10.28
C ILE A 50 2.68 9.05 -10.03
N VAL A 51 2.27 9.81 -11.03
CA VAL A 51 2.21 11.26 -10.89
C VAL A 51 0.76 11.78 -10.88
N PRO A 52 0.37 12.45 -9.78
CA PRO A 52 -0.95 13.07 -9.67
C PRO A 52 -1.10 14.20 -10.69
N VAL A 53 -2.31 14.35 -11.22
CA VAL A 53 -2.59 15.37 -12.23
C VAL A 53 -3.76 16.24 -11.77
N THR A 54 -3.59 17.56 -11.80
CA THR A 54 -4.57 18.49 -11.24
C THR A 54 -5.71 18.86 -12.19
N SER A 55 -5.69 18.31 -13.40
CA SER A 55 -6.79 18.50 -14.34
C SER A 55 -7.81 17.38 -14.21
N ASN A 62 -4.98 10.22 -3.85
CA ASN A 62 -6.29 9.57 -3.75
C ASN A 62 -6.48 8.52 -4.85
N PHE A 63 -6.69 8.98 -6.07
CA PHE A 63 -6.60 8.11 -7.24
C PHE A 63 -5.18 7.54 -7.31
N SER A 64 -4.18 8.41 -7.14
CA SER A 64 -2.78 8.02 -7.17
C SER A 64 -2.41 7.14 -5.97
N ALA A 65 -3.02 7.41 -4.82
CA ALA A 65 -2.85 6.58 -3.64
C ALA A 65 -3.44 5.18 -3.83
N SER A 66 -4.56 5.10 -4.54
CA SER A 66 -5.17 3.83 -4.91
C SER A 66 -4.28 3.06 -5.87
N LEU A 67 -3.74 3.77 -6.86
CA LEU A 67 -2.77 3.20 -7.81
C LEU A 67 -1.52 2.65 -7.13
N HIS A 68 -1.04 3.35 -6.10
CA HIS A 68 0.11 2.90 -5.32
C HIS A 68 -0.17 1.55 -4.66
N ALA A 69 -1.32 1.45 -4.00
CA ALA A 69 -1.73 0.20 -3.34
C ALA A 69 -1.90 -0.92 -4.35
N ILE A 70 -2.51 -0.61 -5.50
CA ILE A 70 -2.74 -1.59 -6.56
C ILE A 70 -1.44 -2.13 -7.15
N THR A 71 -0.53 -1.22 -7.50
CA THR A 71 0.73 -1.61 -8.12
C THR A 71 1.63 -2.40 -7.16
N GLN A 72 1.59 -2.05 -5.87
CA GLN A 72 2.31 -2.79 -4.84
C GLN A 72 1.76 -4.22 -4.73
N TYR A 73 0.44 -4.34 -4.78
CA TYR A 73 -0.23 -5.64 -4.75
C TYR A 73 0.28 -6.57 -5.85
N PHE A 74 0.56 -6.00 -7.03
CA PHE A 74 1.03 -6.78 -8.18
C PHE A 74 2.54 -6.93 -8.23
N GLY A 75 3.23 -6.47 -7.19
CA GLY A 75 4.68 -6.68 -7.04
C GLY A 75 5.57 -5.62 -7.64
N PHE A 76 4.99 -4.50 -8.06
CA PHE A 76 5.77 -3.41 -8.65
C PHE A 76 6.39 -2.49 -7.60
N ASP A 77 7.55 -1.93 -7.93
CA ASP A 77 8.25 -1.00 -7.06
C ASP A 77 7.75 0.42 -7.36
N SER A 78 6.55 0.72 -6.86
CA SER A 78 5.89 1.98 -7.19
C SER A 78 6.02 3.04 -6.11
N PHE A 79 5.93 4.30 -6.55
CA PHE A 79 5.94 5.46 -5.68
C PHE A 79 5.07 6.55 -6.29
N VAL A 80 4.56 7.41 -5.42
CA VAL A 80 3.79 8.57 -5.87
C VAL A 80 4.66 9.81 -5.67
N THR A 81 4.80 10.62 -6.72
CA THR A 81 5.59 11.86 -6.66
C THR A 81 4.93 12.87 -5.73
N ASP A 82 5.77 13.67 -5.05
CA ASP A 82 5.28 14.72 -4.16
C ASP A 82 4.60 15.86 -4.92
N MET A 83 5.15 16.17 -6.10
CA MET A 83 4.61 17.23 -6.94
C MET A 83 3.65 16.66 -7.97
N PRO A 84 2.64 17.45 -8.38
CA PRO A 84 1.76 17.00 -9.44
C PRO A 84 2.22 17.47 -10.83
N ASP A 85 1.50 17.02 -11.86
CA ASP A 85 1.64 17.53 -13.23
C ASP A 85 3.07 17.44 -13.80
N VAL A 86 3.53 18.51 -14.43
CA VAL A 86 4.86 18.53 -15.08
C VAL A 86 5.98 18.39 -14.04
N SER A 87 5.84 19.10 -12.92
CA SER A 87 6.81 19.00 -11.82
C SER A 87 6.89 17.57 -11.28
N GLY A 88 5.74 16.91 -11.19
CA GLY A 88 5.67 15.51 -10.79
C GLY A 88 6.32 14.58 -11.80
N TYR A 89 6.04 14.81 -13.09
CA TYR A 89 6.64 14.03 -14.18
C TYR A 89 8.17 14.08 -14.10
N TYR A 90 8.70 15.30 -13.98
CA TYR A 90 10.13 15.54 -13.82
C TYR A 90 10.68 14.75 -12.64
N GLU A 91 10.01 14.88 -11.49
CA GLU A 91 10.36 14.17 -10.27
C GLU A 91 10.38 12.66 -10.48
N ALA A 92 9.36 12.13 -11.16
CA ALA A 92 9.29 10.69 -11.44
C ALA A 92 10.47 10.20 -12.28
N VAL A 93 10.75 10.89 -13.39
CA VAL A 93 11.87 10.52 -14.27
C VAL A 93 13.20 10.67 -13.52
N GLN A 94 13.35 11.77 -12.79
CA GLN A 94 14.56 12.04 -12.01
C GLN A 94 14.84 10.95 -10.97
N ASN A 95 13.78 10.40 -10.38
CA ASN A 95 13.93 9.35 -9.37
C ASN A 95 13.94 7.92 -9.92
N GLY A 96 14.17 7.80 -11.24
CA GLY A 96 14.39 6.51 -11.88
C GLY A 96 13.17 5.70 -12.25
N ALA A 97 12.02 6.36 -12.43
CA ALA A 97 10.83 5.66 -12.90
C ALA A 97 11.08 5.04 -14.27
N GLU A 98 10.74 3.76 -14.41
CA GLU A 98 10.88 3.05 -15.67
C GLU A 98 9.54 3.10 -16.42
N ILE A 99 8.45 3.04 -15.67
CA ILE A 99 7.10 3.21 -16.22
C ILE A 99 6.42 4.40 -15.52
N ILE A 100 5.85 5.30 -16.32
CA ILE A 100 5.05 6.41 -15.79
C ILE A 100 3.56 6.05 -15.85
N LEU A 101 2.86 6.31 -14.75
CA LEU A 101 1.44 6.05 -14.63
C LEU A 101 0.75 7.38 -14.28
N MET A 102 -0.15 7.84 -15.14
CA MET A 102 -0.84 9.12 -14.93
C MET A 102 -2.14 9.27 -15.70
N ALA A 103 -3.05 10.08 -15.18
CA ALA A 103 -4.39 10.25 -15.75
C ALA A 103 -4.92 11.67 -15.63
N ASP A 104 -5.53 12.16 -16.71
CA ASP A 104 -6.45 13.29 -16.62
C ASP A 104 -7.87 12.74 -16.78
N ASP A 105 -8.85 13.60 -17.03
CA ASP A 105 -10.25 13.19 -17.13
C ASP A 105 -10.54 12.32 -18.36
N ARG A 106 -9.74 12.47 -19.41
CA ARG A 106 -9.96 11.74 -20.66
C ARG A 106 -9.06 10.54 -20.88
N THR A 107 -7.84 10.58 -20.32
CA THR A 107 -6.84 9.55 -20.61
C THR A 107 -6.10 9.12 -19.34
N PHE A 108 -6.04 7.81 -19.14
CA PHE A 108 -5.21 7.19 -18.12
C PHE A 108 -4.20 6.30 -18.85
N LEU A 109 -2.92 6.64 -18.72
CA LEU A 109 -1.89 5.90 -19.46
C LEU A 109 -0.75 5.31 -18.62
N ALA A 110 -0.12 4.29 -19.19
CA ALA A 110 1.15 3.76 -18.70
C ALA A 110 2.16 3.92 -19.81
N HIS A 111 3.28 4.58 -19.52
CA HIS A 111 4.34 4.78 -20.49
C HIS A 111 5.65 4.16 -20.01
N ASN A 112 6.09 3.11 -20.70
CA ASN A 112 7.36 2.45 -20.41
C ASN A 112 8.48 3.21 -21.12
N LEU A 113 9.31 3.90 -20.34
CA LEU A 113 10.38 4.74 -20.88
C LEU A 113 11.58 3.94 -21.41
N LYS A 114 11.68 2.67 -21.01
CA LYS A 114 12.77 1.80 -21.45
C LYS A 114 12.57 1.28 -22.87
N ASN A 115 11.36 0.86 -23.20
CA ASN A 115 11.07 0.27 -24.51
C ASN A 115 10.11 1.09 -25.39
N GLY A 116 9.60 2.19 -24.85
CA GLY A 116 8.76 3.11 -25.61
C GLY A 116 7.30 2.73 -25.72
N LYS A 117 6.90 1.61 -25.11
CA LYS A 117 5.52 1.15 -25.18
C LYS A 117 4.61 1.98 -24.28
N MET A 118 3.42 2.28 -24.79
CA MET A 118 2.44 3.09 -24.07
C MET A 118 1.06 2.43 -24.13
N ALA A 119 0.36 2.43 -23.00
CA ALA A 119 -0.94 1.80 -22.89
C ALA A 119 -2.02 2.82 -22.56
N ASN A 120 -3.20 2.62 -23.12
CA ASN A 120 -4.39 3.38 -22.73
C ASN A 120 -5.31 2.49 -21.90
N ASN A 121 -5.75 3.00 -20.75
CA ASN A 121 -6.59 2.23 -19.82
C ASN A 121 -7.84 1.60 -20.43
N GLN A 122 -8.47 2.32 -21.37
CA GLN A 122 -9.73 1.89 -21.94
C GLN A 122 -9.63 0.58 -22.76
N PRO A 123 -8.81 0.55 -23.84
CA PRO A 123 -8.67 -0.75 -24.52
C PRO A 123 -8.05 -1.84 -23.63
N CYS A 124 -7.10 -1.48 -22.78
CA CYS A 124 -6.47 -2.46 -21.87
C CYS A 124 -7.47 -3.12 -20.93
N THR A 125 -8.44 -2.34 -20.45
CA THR A 125 -9.50 -2.85 -19.58
C THR A 125 -10.46 -3.74 -20.37
N GLY A 126 -10.90 -3.27 -21.54
CA GLY A 126 -11.77 -4.04 -22.42
C GLY A 126 -11.18 -5.40 -22.76
N ILE A 127 -9.91 -5.39 -23.18
CA ILE A 127 -9.22 -6.61 -23.58
C ILE A 127 -9.10 -7.62 -22.43
N ILE A 128 -8.66 -7.19 -21.25
CA ILE A 128 -8.49 -8.12 -20.13
C ILE A 128 -9.80 -8.70 -19.59
N TYR A 129 -10.85 -7.87 -19.49
CA TYR A 129 -12.15 -8.36 -19.04
C TYR A 129 -12.77 -9.32 -20.06
N ALA A 130 -12.59 -9.04 -21.35
CA ALA A 130 -13.03 -9.94 -22.41
C ALA A 130 -12.20 -11.24 -22.42
N GLU A 131 -10.90 -11.11 -22.16
CA GLU A 131 -10.00 -12.25 -22.07
C GLU A 131 -10.39 -13.19 -20.94
N ILE A 132 -10.63 -12.63 -19.76
CA ILE A 132 -11.11 -13.39 -18.61
C ILE A 132 -12.38 -14.16 -18.96
N ALA A 133 -13.35 -13.45 -19.54
CA ALA A 133 -14.60 -14.05 -19.99
C ALA A 133 -14.39 -15.22 -20.96
N SER A 134 -13.50 -15.02 -21.94
CA SER A 134 -13.23 -16.02 -22.97
C SER A 134 -12.56 -17.28 -22.42
N ARG A 135 -11.87 -17.14 -21.29
CA ARG A 135 -11.10 -18.24 -20.71
C ARG A 135 -11.87 -19.02 -19.63
N TYR A 136 -13.19 -18.87 -19.63
CA TYR A 136 -14.06 -19.61 -18.73
C TYR A 136 -13.97 -21.12 -19.04
N LEU A 137 -13.41 -21.86 -18.10
CA LEU A 137 -13.14 -23.29 -18.25
C LEU A 137 -14.37 -24.15 -18.48
N LYS A 138 -15.46 -23.81 -17.78
CA LYS A 138 -16.70 -24.60 -17.84
C LYS A 138 -17.70 -24.04 -18.86
N ALA A 139 -17.19 -23.38 -19.89
CA ALA A 139 -18.02 -22.87 -20.98
C ALA A 139 -18.41 -24.00 -21.92
N ASP A 140 -19.67 -24.02 -22.32
CA ASP A 140 -20.20 -25.09 -23.18
C ASP A 140 -20.34 -24.68 -24.65
N SER A 141 -19.91 -23.46 -24.97
CA SER A 141 -19.93 -22.96 -26.35
C SER A 141 -18.96 -21.78 -26.53
N LYS A 142 -18.88 -21.29 -27.76
CA LYS A 142 -18.07 -20.11 -28.07
C LYS A 142 -18.94 -18.87 -28.30
N ASP A 143 -20.21 -18.94 -27.87
CA ASP A 143 -21.10 -17.79 -27.90
C ASP A 143 -20.75 -16.84 -26.75
N VAL A 144 -20.58 -15.56 -27.08
CA VAL A 144 -20.34 -14.53 -26.07
C VAL A 144 -21.17 -13.30 -26.38
N LEU A 145 -21.80 -12.75 -25.33
CA LEU A 145 -22.58 -11.53 -25.43
C LEU A 145 -21.76 -10.36 -24.93
N VAL A 146 -21.66 -9.31 -25.75
CA VAL A 146 -21.00 -8.07 -25.35
C VAL A 146 -22.04 -6.95 -25.27
N VAL A 147 -22.19 -6.38 -24.07
CA VAL A 147 -23.12 -5.27 -23.87
C VAL A 147 -22.33 -3.99 -23.57
N GLY A 148 -22.42 -3.03 -24.50
CA GLY A 148 -21.62 -1.81 -24.42
C GLY A 148 -20.45 -1.92 -25.39
N LEU A 149 -20.47 -1.07 -26.41
CA LEU A 149 -19.44 -1.10 -27.45
C LEU A 149 -18.74 0.26 -27.56
N GLY A 150 -18.47 0.87 -26.41
CA GLY A 150 -17.78 2.16 -26.36
C GLY A 150 -16.27 2.01 -26.31
N LYS A 151 -15.61 2.91 -25.58
CA LYS A 151 -14.16 2.94 -25.55
C LYS A 151 -13.53 1.71 -24.87
N VAL A 152 -14.30 1.05 -23.99
CA VAL A 152 -13.87 -0.17 -23.33
C VAL A 152 -14.44 -1.41 -24.05
N GLY A 153 -15.74 -1.36 -24.36
CA GLY A 153 -16.44 -2.50 -24.96
C GLY A 153 -15.96 -2.91 -26.34
N PHE A 154 -15.73 -1.93 -27.21
CA PHE A 154 -15.32 -2.17 -28.60
C PHE A 154 -14.00 -2.95 -28.69
N PRO A 155 -12.93 -2.50 -28.00
CA PRO A 155 -11.69 -3.26 -27.98
C PRO A 155 -11.86 -4.67 -27.38
N GLY A 156 -12.75 -4.81 -26.41
CA GLY A 156 -13.06 -6.11 -25.82
C GLY A 156 -13.68 -7.05 -26.83
N ALA A 157 -14.70 -6.56 -27.54
CA ALA A 157 -15.38 -7.32 -28.59
C ALA A 157 -14.42 -7.69 -29.72
N GLU A 158 -13.53 -6.77 -30.07
CA GLU A 158 -12.52 -6.96 -31.11
C GLU A 158 -11.59 -8.11 -30.76
N HIS A 159 -11.16 -8.15 -29.49
CA HIS A 159 -10.30 -9.20 -28.98
C HIS A 159 -10.97 -10.56 -29.05
N LEU A 160 -12.26 -10.61 -28.71
CA LEU A 160 -13.05 -11.85 -28.75
C LEU A 160 -13.24 -12.36 -30.18
N VAL A 161 -13.46 -11.44 -31.11
CA VAL A 161 -13.56 -11.77 -32.53
C VAL A 161 -12.23 -12.37 -33.02
N GLN A 162 -11.12 -11.73 -32.64
CA GLN A 162 -9.78 -12.21 -33.01
C GLN A 162 -9.45 -13.59 -32.43
N LYS A 163 -10.12 -13.95 -31.34
CA LYS A 163 -9.96 -15.28 -30.72
C LYS A 163 -10.97 -16.30 -31.26
N ASP A 164 -11.63 -15.95 -32.36
CA ASP A 164 -12.58 -16.84 -33.07
C ASP A 164 -13.83 -17.21 -32.27
N PHE A 165 -14.29 -16.30 -31.42
CA PHE A 165 -15.54 -16.49 -30.69
C PHE A 165 -16.72 -16.00 -31.51
N ARG A 166 -17.89 -16.60 -31.25
CA ARG A 166 -19.13 -16.17 -31.87
C ARG A 166 -19.67 -14.98 -31.06
N VAL A 167 -19.36 -13.79 -31.53
CA VAL A 167 -19.59 -12.56 -30.75
C VAL A 167 -20.90 -11.88 -31.10
N TYR A 168 -21.79 -11.84 -30.11
CA TYR A 168 -23.03 -11.07 -30.18
C TYR A 168 -22.81 -9.75 -29.46
N GLY A 169 -23.31 -8.66 -30.03
CA GLY A 169 -23.11 -7.34 -29.44
C GLY A 169 -24.37 -6.50 -29.39
N TYR A 170 -24.49 -5.70 -28.32
CA TYR A 170 -25.55 -4.72 -28.23
C TYR A 170 -25.07 -3.41 -27.59
N ASP A 171 -25.46 -2.30 -28.20
CA ASP A 171 -25.26 -0.99 -27.63
C ASP A 171 -26.52 -0.16 -27.87
N ALA A 172 -26.95 0.57 -26.86
CA ALA A 172 -28.16 1.41 -26.94
C ALA A 172 -28.01 2.55 -27.95
N ASP A 173 -26.76 2.89 -28.28
CA ASP A 173 -26.46 3.85 -29.33
C ASP A 173 -26.44 3.10 -30.67
N GLU A 174 -27.48 3.30 -31.47
CA GLU A 174 -27.66 2.57 -32.74
C GLU A 174 -26.51 2.79 -33.73
N THR A 175 -25.96 4.00 -33.73
CA THR A 175 -24.84 4.36 -34.61
C THR A 175 -23.58 3.56 -34.25
N LEU A 176 -23.31 3.42 -32.95
CA LEU A 176 -22.17 2.62 -32.48
C LEU A 176 -22.37 1.13 -32.74
N LEU A 177 -23.61 0.66 -32.59
CA LEU A 177 -23.93 -0.74 -32.89
C LEU A 177 -23.73 -1.01 -34.37
N GLU A 178 -24.19 -0.06 -35.20
CA GLU A 178 -24.00 -0.12 -36.65
C GLU A 178 -22.51 -0.21 -37.00
N ARG A 179 -21.71 0.67 -36.41
CA ARG A 179 -20.26 0.71 -36.62
C ARG A 179 -19.60 -0.63 -36.31
N ALA A 180 -19.89 -1.17 -35.13
CA ALA A 180 -19.29 -2.42 -34.67
C ALA A 180 -19.67 -3.63 -35.53
N THR A 181 -20.91 -3.65 -36.00
CA THR A 181 -21.43 -4.77 -36.78
C THR A 181 -20.78 -4.92 -38.16
N SER A 182 -20.33 -3.81 -38.73
CA SER A 182 -19.68 -3.83 -40.05
C SER A 182 -18.16 -3.85 -39.97
N ASN A 183 -17.60 -3.17 -38.97
CA ASN A 183 -16.14 -3.04 -38.82
C ASN A 183 -15.49 -4.20 -38.07
N LEU A 184 -16.24 -4.84 -37.18
CA LEU A 184 -15.73 -5.97 -36.39
C LEU A 184 -16.26 -7.31 -36.83
N GLY A 185 -17.47 -7.33 -37.38
CA GLY A 185 -18.14 -8.57 -37.72
C GLY A 185 -18.69 -9.24 -36.47
N ILE A 186 -19.51 -8.50 -35.74
CA ILE A 186 -20.24 -9.05 -34.60
C ILE A 186 -21.71 -9.15 -34.98
N ILE A 187 -22.41 -10.11 -34.37
CA ILE A 187 -23.84 -10.28 -34.60
C ILE A 187 -24.61 -9.28 -33.74
N PRO A 188 -25.42 -8.42 -34.39
CA PRO A 188 -26.25 -7.49 -33.61
C PRO A 188 -27.28 -8.26 -32.80
N PHE A 189 -27.30 -8.00 -31.49
CA PHE A 189 -28.19 -8.70 -30.59
C PHE A 189 -29.41 -7.85 -30.25
N ASP A 190 -30.59 -8.45 -30.37
CA ASP A 190 -31.83 -7.80 -30.01
C ASP A 190 -32.20 -8.22 -28.58
N PRO A 191 -32.24 -7.24 -27.65
CA PRO A 191 -32.62 -7.52 -26.26
C PRO A 191 -34.06 -8.05 -26.13
N ALA A 192 -34.87 -7.79 -27.15
CA ALA A 192 -36.25 -8.28 -27.19
C ALA A 192 -36.36 -9.71 -27.73
N ASN A 193 -35.26 -10.22 -28.28
CA ASN A 193 -35.19 -11.61 -28.73
C ASN A 193 -34.10 -12.38 -27.96
N PRO A 194 -34.38 -12.71 -26.68
CA PRO A 194 -33.33 -13.20 -25.78
C PRO A 194 -32.94 -14.66 -26.00
N LYS A 195 -31.65 -14.85 -26.30
CA LYS A 195 -31.02 -16.16 -26.35
C LYS A 195 -30.18 -16.27 -25.07
N LYS A 196 -29.97 -17.49 -24.57
CA LYS A 196 -29.20 -17.68 -23.33
C LYS A 196 -27.70 -17.76 -23.57
N PHE A 197 -26.93 -17.11 -22.69
CA PHE A 197 -25.47 -17.08 -22.78
C PHE A 197 -24.82 -17.55 -21.49
N SER A 198 -23.67 -18.21 -21.62
CA SER A 198 -22.88 -18.60 -20.46
C SER A 198 -21.64 -17.71 -20.30
N ILE A 199 -21.38 -16.88 -21.31
CA ILE A 199 -20.29 -15.89 -21.27
C ILE A 199 -20.83 -14.51 -21.63
N ILE A 200 -20.72 -13.57 -20.70
CA ILE A 200 -21.19 -12.20 -20.91
C ILE A 200 -20.13 -11.19 -20.52
N PHE A 201 -19.89 -10.23 -21.41
CA PHE A 201 -18.97 -9.13 -21.17
C PHE A 201 -19.76 -7.81 -21.27
N GLU A 202 -19.79 -7.05 -20.18
CA GLU A 202 -20.50 -5.77 -20.15
C GLU A 202 -19.55 -4.63 -19.84
N ALA A 203 -19.70 -3.53 -20.58
CA ALA A 203 -18.84 -2.34 -20.40
C ALA A 203 -19.68 -1.06 -20.53
N THR A 204 -20.50 -0.80 -19.52
CA THR A 204 -21.50 0.26 -19.56
C THR A 204 -21.51 0.99 -18.21
N PRO A 205 -21.72 2.32 -18.21
CA PRO A 205 -21.82 3.02 -16.92
C PRO A 205 -23.24 2.97 -16.32
N CYS A 206 -24.01 1.95 -16.67
CA CYS A 206 -25.42 1.86 -16.30
C CYS A 206 -25.77 0.54 -15.62
N ALA A 207 -26.84 0.56 -14.82
CA ALA A 207 -27.33 -0.63 -14.14
C ALA A 207 -28.42 -1.33 -14.95
N ASN A 208 -28.69 -2.59 -14.61
CA ASN A 208 -29.76 -3.38 -15.23
C ASN A 208 -29.69 -3.45 -16.76
N THR A 209 -28.50 -3.72 -17.28
CA THR A 209 -28.26 -3.75 -18.72
C THR A 209 -28.28 -5.18 -19.27
N ILE A 210 -28.19 -6.15 -18.38
CA ILE A 210 -28.27 -7.56 -18.75
C ILE A 210 -29.65 -8.10 -18.39
N PRO A 211 -30.51 -8.31 -19.41
CA PRO A 211 -31.85 -8.85 -19.16
C PRO A 211 -31.77 -10.26 -18.57
N GLU A 212 -32.71 -10.59 -17.69
CA GLU A 212 -32.76 -11.90 -17.05
C GLU A 212 -32.80 -13.07 -18.05
N ALA A 213 -33.60 -12.90 -19.09
CA ALA A 213 -33.83 -13.97 -20.08
C ALA A 213 -32.57 -14.37 -20.86
N VAL A 214 -31.54 -13.54 -20.77
CA VAL A 214 -30.27 -13.80 -21.45
C VAL A 214 -29.34 -14.66 -20.57
N LEU A 215 -29.67 -14.74 -19.28
CA LEU A 215 -28.87 -15.47 -18.30
C LEU A 215 -29.16 -16.97 -18.26
N SER A 216 -28.10 -17.74 -18.07
CA SER A 216 -28.20 -19.16 -17.75
C SER A 216 -27.45 -19.40 -16.44
N GLU A 217 -27.69 -20.55 -15.81
CA GLU A 217 -27.10 -20.88 -14.51
C GLU A 217 -25.57 -20.99 -14.59
N ASN A 218 -24.91 -20.43 -13.56
CA ASN A 218 -23.44 -20.44 -13.45
C ASN A 218 -22.67 -19.67 -14.53
N CYS A 219 -23.38 -18.80 -15.24
CA CYS A 219 -22.76 -18.01 -16.31
C CYS A 219 -21.76 -17.00 -15.76
N VAL A 220 -20.77 -16.65 -16.57
CA VAL A 220 -19.77 -15.67 -16.20
C VAL A 220 -20.18 -14.30 -16.72
N LEU A 221 -20.21 -13.32 -15.82
CA LEU A 221 -20.37 -11.92 -16.19
C LEU A 221 -19.09 -11.17 -15.85
N SER A 222 -18.33 -10.84 -16.89
CA SER A 222 -17.10 -10.07 -16.74
C SER A 222 -17.40 -8.62 -17.08
N THR A 223 -17.35 -7.75 -16.08
CA THR A 223 -17.74 -6.35 -16.27
C THR A 223 -16.87 -5.35 -15.50
N PRO A 224 -16.19 -4.44 -16.22
CA PRO A 224 -15.54 -3.30 -15.60
C PRO A 224 -16.52 -2.17 -15.30
N GLY A 225 -17.74 -2.30 -15.83
CA GLY A 225 -18.76 -1.26 -15.71
C GLY A 225 -19.19 -0.96 -14.29
N ILE A 226 -19.48 0.31 -14.04
CA ILE A 226 -19.93 0.79 -12.73
C ILE A 226 -21.08 1.77 -12.95
N PRO A 227 -22.24 1.54 -12.30
CA PRO A 227 -22.60 0.46 -11.37
C PRO A 227 -22.80 -0.88 -12.07
N CYS A 228 -23.10 -1.92 -11.28
CA CYS A 228 -23.18 -3.29 -11.78
C CYS A 228 -24.29 -3.53 -12.81
N ALA A 229 -23.94 -4.26 -13.87
CA ALA A 229 -24.85 -4.60 -14.96
C ALA A 229 -26.07 -5.39 -14.49
N ILE A 230 -25.94 -6.07 -13.36
CA ILE A 230 -27.00 -6.89 -12.82
C ILE A 230 -27.17 -6.70 -11.32
N SER A 231 -28.42 -6.80 -10.86
CA SER A 231 -28.75 -6.67 -9.44
C SER A 231 -28.28 -7.89 -8.66
N GLU A 232 -28.16 -7.74 -7.34
CA GLU A 232 -27.75 -8.82 -6.45
C GLU A 232 -28.71 -10.00 -6.49
N GLU A 233 -30.01 -9.71 -6.61
CA GLU A 233 -31.04 -10.75 -6.65
C GLU A 233 -30.95 -11.64 -7.90
N LEU A 234 -30.71 -11.04 -9.06
CA LEU A 234 -30.51 -11.79 -10.30
C LEU A 234 -29.18 -12.53 -10.29
N ARG A 235 -28.19 -11.93 -9.63
CA ARG A 235 -26.88 -12.54 -9.46
C ARG A 235 -26.98 -13.80 -8.61
N ASP A 236 -27.76 -13.74 -7.53
CA ASP A 236 -27.98 -14.88 -6.65
C ASP A 236 -28.86 -15.96 -7.28
N LYS A 237 -29.92 -15.52 -7.96
CA LYS A 237 -30.90 -16.43 -8.58
C LYS A 237 -30.28 -17.37 -9.63
N TYR A 238 -29.28 -16.87 -10.35
CA TYR A 238 -28.64 -17.64 -11.40
C TYR A 238 -27.21 -18.07 -11.08
N GLU A 239 -26.78 -17.80 -9.85
CA GLU A 239 -25.42 -18.10 -9.38
C GLU A 239 -24.35 -17.60 -10.36
N VAL A 240 -24.52 -16.35 -10.80
CA VAL A 240 -23.63 -15.71 -11.77
C VAL A 240 -22.22 -15.56 -11.20
N GLN A 241 -21.22 -16.00 -11.96
CA GLN A 241 -19.83 -15.82 -11.58
C GLN A 241 -19.35 -14.45 -12.04
N LEU A 242 -19.44 -13.49 -11.12
CA LEU A 242 -19.17 -12.08 -11.40
C LEU A 242 -17.69 -11.75 -11.33
N ILE A 243 -17.17 -11.12 -12.39
CA ILE A 243 -15.83 -10.56 -12.39
C ILE A 243 -15.98 -9.04 -12.52
N ALA A 244 -15.77 -8.34 -11.40
CA ALA A 244 -15.98 -6.90 -11.33
C ALA A 244 -15.09 -6.25 -10.27
N GLU A 245 -14.28 -5.29 -10.71
CA GLU A 245 -13.32 -4.63 -9.85
C GLU A 245 -13.07 -3.20 -10.38
N PRO A 246 -12.98 -2.21 -9.47
CA PRO A 246 -13.02 -0.80 -9.88
C PRO A 246 -11.82 -0.26 -10.69
N LEU A 247 -10.63 -0.83 -10.54
CA LEU A 247 -9.42 -0.18 -11.08
C LEU A 247 -8.22 -1.11 -11.31
N GLY A 248 -7.99 -2.03 -10.38
CA GLY A 248 -6.79 -2.87 -10.37
C GLY A 248 -6.55 -3.78 -11.57
N ILE A 249 -7.59 -4.49 -12.00
CA ILE A 249 -7.49 -5.43 -13.13
C ILE A 249 -7.08 -4.69 -14.41
N GLY A 250 -7.77 -3.58 -14.70
CA GLY A 250 -7.42 -2.74 -15.84
C GLY A 250 -6.02 -2.16 -15.75
N THR A 251 -5.60 -1.79 -14.53
CA THR A 251 -4.26 -1.26 -14.29
C THR A 251 -3.18 -2.32 -14.55
N ALA A 252 -3.44 -3.55 -14.07
CA ALA A 252 -2.52 -4.67 -14.29
C ALA A 252 -2.35 -4.95 -15.78
N SER A 253 -3.46 -4.89 -16.51
CA SER A 253 -3.47 -5.06 -17.96
C SER A 253 -2.57 -4.03 -18.67
N MET A 254 -2.70 -2.77 -18.26
CA MET A 254 -1.87 -1.69 -18.81
C MET A 254 -0.38 -1.96 -18.60
N LEU A 255 -0.02 -2.35 -17.37
CA LEU A 255 1.38 -2.54 -17.01
C LEU A 255 2.01 -3.71 -17.75
N TYR A 256 1.30 -4.84 -17.78
CA TYR A 256 1.80 -6.03 -18.47
C TYR A 256 1.85 -5.86 -19.99
N SER A 257 0.95 -5.04 -20.55
CA SER A 257 0.94 -4.77 -22.00
C SER A 257 2.13 -3.92 -22.44
N VAL A 258 2.84 -3.38 -21.46
CA VAL A 258 3.86 -2.37 -21.70
C VAL A 258 5.27 -2.91 -21.36
N LEU A 259 5.31 -4.09 -20.75
CA LEU A 259 6.56 -4.71 -20.31
C LEU A 259 7.36 -5.34 -21.44
N LEU B 3 18.71 0.48 28.28
CA LEU B 3 19.75 1.28 27.57
C LEU B 3 20.46 0.48 26.48
N LEU B 4 20.97 1.19 25.47
CA LEU B 4 21.64 0.56 24.34
C LEU B 4 23.11 0.24 24.61
N THR B 5 23.61 -0.80 23.96
CA THR B 5 25.01 -1.23 24.06
C THR B 5 25.54 -1.59 22.66
N PRO B 6 26.88 -1.64 22.50
CA PRO B 6 27.45 -2.09 21.23
C PRO B 6 27.16 -3.57 20.95
N ASP B 8 33.11 -2.30 11.11
CA ASP B 8 31.98 -2.31 12.03
C ASP B 8 30.92 -1.28 11.62
N LEU B 9 31.24 -0.46 10.62
CA LEU B 9 30.32 0.54 10.08
C LEU B 9 29.19 -0.13 9.29
N ILE B 10 29.48 -1.32 8.76
CA ILE B 10 28.51 -2.10 7.99
C ILE B 10 27.35 -2.65 8.83
N ASN B 11 27.56 -2.72 10.15
CA ASN B 11 26.55 -3.21 11.10
C ASN B 11 25.25 -2.41 11.10
N ILE B 12 25.34 -1.13 11.50
CA ILE B 12 24.16 -0.27 11.61
C ILE B 12 23.56 0.08 10.25
N ASN B 13 24.41 0.14 9.23
CA ASN B 13 23.97 0.38 7.85
C ASN B 13 23.10 -0.73 7.29
N MET B 14 23.56 -1.97 7.44
CA MET B 14 22.80 -3.15 7.01
C MET B 14 21.52 -3.30 7.83
N GLN B 15 21.60 -2.96 9.12
CA GLN B 15 20.46 -3.05 10.03
C GLN B 15 19.35 -2.08 9.61
N LEU B 16 19.74 -0.86 9.23
CA LEU B 16 18.81 0.14 8.71
C LEU B 16 18.26 -0.25 7.35
N GLN B 17 19.14 -0.80 6.51
CA GLN B 17 18.76 -1.22 5.17
C GLN B 17 17.71 -2.35 5.22
N LYS B 18 17.95 -3.33 6.10
CA LYS B 18 17.01 -4.43 6.32
C LYS B 18 15.65 -3.93 6.84
N ALA B 19 15.69 -2.98 7.77
CA ALA B 19 14.47 -2.38 8.32
C ALA B 19 13.72 -1.58 7.26
N ASP B 20 14.48 -0.88 6.41
CA ASP B 20 13.90 -0.11 5.32
C ASP B 20 13.19 -1.02 4.32
N SER B 21 13.79 -2.17 4.01
CA SER B 21 13.18 -3.17 3.13
C SER B 21 11.90 -3.73 3.72
N ALA B 22 11.89 -3.98 5.03
CA ALA B 22 10.71 -4.49 5.72
C ALA B 22 9.57 -3.48 5.69
N VAL B 23 9.90 -2.20 5.91
CA VAL B 23 8.91 -1.11 5.86
C VAL B 23 8.34 -0.98 4.44
N GLN B 24 9.22 -1.06 3.44
CA GLN B 24 8.81 -1.07 2.02
C GLN B 24 7.85 -2.22 1.70
N GLU B 25 8.17 -3.40 2.24
CA GLU B 25 7.34 -4.59 2.06
C GLU B 25 5.95 -4.39 2.65
N VAL B 26 5.89 -3.87 3.87
CA VAL B 26 4.65 -3.70 4.61
C VAL B 26 3.78 -2.56 4.05
N THR B 27 4.41 -1.41 3.79
CA THR B 27 3.68 -0.18 3.49
C THR B 27 3.77 0.27 2.03
N GLY B 28 4.78 -0.22 1.31
CA GLY B 28 5.05 0.25 -0.05
C GLY B 28 5.83 1.56 -0.11
N LEU B 29 6.31 2.00 1.04
CA LEU B 29 7.16 3.20 1.16
C LEU B 29 8.38 2.89 2.00
N ASP B 30 9.47 3.63 1.77
CA ASP B 30 10.65 3.52 2.63
C ASP B 30 10.48 4.42 3.88
N ILE B 31 11.42 4.31 4.81
CA ILE B 31 11.35 5.08 6.07
C ILE B 31 11.20 6.58 5.81
N LYS B 32 12.03 7.10 4.90
CA LYS B 32 11.96 8.49 4.48
C LYS B 32 10.55 8.86 3.99
N GLY B 33 9.98 8.01 3.16
CA GLY B 33 8.63 8.19 2.63
C GLY B 33 7.57 8.24 3.71
N ILE B 34 7.69 7.34 4.68
CA ILE B 34 6.80 7.34 5.85
C ILE B 34 6.88 8.68 6.57
N CYS B 35 8.10 9.14 6.85
CA CYS B 35 8.35 10.40 7.56
C CYS B 35 7.78 11.62 6.84
N LYS B 36 8.00 11.67 5.52
CA LYS B 36 7.51 12.78 4.70
C LYS B 36 5.98 12.91 4.75
N ALA B 37 5.28 11.79 4.64
CA ALA B 37 3.82 11.78 4.72
C ALA B 37 3.33 12.02 6.15
N LEU B 38 4.03 11.46 7.14
CA LEU B 38 3.66 11.62 8.54
C LEU B 38 3.70 13.09 8.97
N TYR B 39 4.75 13.79 8.59
CA TYR B 39 4.97 15.17 9.06
C TYR B 39 4.73 16.26 8.02
N GLY B 40 4.49 15.87 6.77
CA GLY B 40 4.30 16.83 5.67
C GLY B 40 5.54 17.67 5.45
N THR B 41 6.70 17.08 5.73
CA THR B 41 7.95 17.80 5.79
C THR B 41 8.99 17.14 4.88
N PHE B 42 10.01 17.91 4.48
CA PHE B 42 11.07 17.37 3.64
C PHE B 42 12.44 17.89 4.06
N SER B 43 13.47 17.10 3.75
CA SER B 43 14.84 17.42 4.14
C SER B 43 15.61 18.16 3.05
N SER B 44 16.36 19.18 3.46
CA SER B 44 17.24 19.92 2.57
C SER B 44 18.70 19.65 2.96
N SER B 45 18.97 18.41 3.36
CA SER B 45 20.29 17.96 3.82
C SER B 45 20.86 18.85 4.94
N GLU B 46 20.00 19.16 5.92
CA GLU B 46 20.35 20.05 7.04
C GLU B 46 21.60 19.62 7.79
N LYS B 47 22.32 20.60 8.32
CA LYS B 47 23.52 20.33 9.10
C LYS B 47 23.10 19.94 10.52
N VAL B 48 23.42 18.71 10.92
CA VAL B 48 23.10 18.24 12.27
C VAL B 48 24.35 17.94 13.10
N GLY B 49 24.45 18.63 14.24
CA GLY B 49 25.54 18.45 15.18
C GLY B 49 25.16 17.45 16.25
N ILE B 50 25.91 16.36 16.33
CA ILE B 50 25.69 15.31 17.32
C ILE B 50 26.66 15.55 18.47
N VAL B 51 26.11 15.73 19.66
CA VAL B 51 26.92 16.07 20.84
C VAL B 51 26.94 14.89 21.82
N PRO B 52 28.11 14.25 21.98
CA PRO B 52 28.22 13.19 22.99
C PRO B 52 28.03 13.78 24.39
N VAL B 53 27.38 13.02 25.27
CA VAL B 53 27.04 13.47 26.61
C VAL B 53 27.55 12.45 27.63
N THR B 54 28.28 12.92 28.64
CA THR B 54 28.89 12.05 29.64
C THR B 54 27.98 11.80 30.85
N SER B 55 26.74 12.30 30.77
CA SER B 55 25.79 12.26 31.88
C SER B 55 25.39 10.88 32.36
N GLY B 56 25.19 9.94 31.44
CA GLY B 56 24.69 8.62 31.80
C GLY B 56 25.71 7.69 32.41
N ASN B 57 25.89 6.52 31.80
CA ASN B 57 26.98 5.64 32.14
C ASN B 57 28.22 6.03 31.32
N GLY B 58 28.31 7.32 31.03
CA GLY B 58 29.34 7.88 30.16
C GLY B 58 28.90 7.88 28.71
N ILE B 59 29.88 7.98 27.81
CA ILE B 59 29.64 7.89 26.39
C ILE B 59 29.42 6.42 26.02
N ILE B 60 28.24 6.12 25.47
CA ILE B 60 27.93 4.77 25.01
C ILE B 60 28.75 4.45 23.76
N GLY B 61 29.46 3.32 23.81
CA GLY B 61 30.20 2.82 22.66
C GLY B 61 29.32 2.80 21.43
N ASN B 62 29.72 3.60 20.43
CA ASN B 62 29.03 3.68 19.14
C ASN B 62 27.73 4.50 19.09
N PHE B 63 27.30 5.09 20.20
CA PHE B 63 26.01 5.81 20.19
C PHE B 63 25.99 7.01 19.24
N SER B 64 26.87 7.98 19.49
CA SER B 64 26.99 9.14 18.60
C SER B 64 27.48 8.71 17.23
N ALA B 65 28.32 7.67 17.21
CA ALA B 65 28.81 7.08 15.96
C ALA B 65 27.68 6.44 15.14
N SER B 66 26.76 5.76 15.81
CA SER B 66 25.58 5.19 15.16
C SER B 66 24.69 6.30 14.63
N LEU B 67 24.45 7.30 15.48
CA LEU B 67 23.71 8.51 15.10
C LEU B 67 24.28 9.16 13.85
N HIS B 68 25.61 9.24 13.79
CA HIS B 68 26.28 9.77 12.60
C HIS B 68 25.97 8.93 11.36
N ALA B 69 26.11 7.61 11.48
CA ALA B 69 25.80 6.71 10.38
C ALA B 69 24.33 6.77 9.98
N ILE B 70 23.44 6.78 10.98
CA ILE B 70 22.00 6.91 10.76
C ILE B 70 21.65 8.19 10.00
N THR B 71 22.15 9.32 10.50
CA THR B 71 21.91 10.62 9.87
C THR B 71 22.50 10.71 8.46
N GLN B 72 23.69 10.12 8.27
CA GLN B 72 24.31 10.02 6.94
C GLN B 72 23.45 9.19 5.98
N TYR B 73 22.87 8.10 6.51
CA TYR B 73 22.00 7.22 5.73
C TYR B 73 20.78 7.95 5.18
N PHE B 74 20.21 8.85 5.98
CA PHE B 74 19.03 9.63 5.57
C PHE B 74 19.37 10.94 4.86
N GLY B 75 20.63 11.10 4.47
CA GLY B 75 21.06 12.22 3.64
C GLY B 75 21.41 13.52 4.34
N PHE B 76 21.44 13.50 5.68
CA PHE B 76 21.75 14.69 6.46
C PHE B 76 23.25 14.98 6.51
N ASP B 77 23.60 16.27 6.55
CA ASP B 77 24.98 16.72 6.69
C ASP B 77 25.35 16.72 8.18
N SER B 78 25.71 15.55 8.70
CA SER B 78 25.95 15.39 10.12
C SER B 78 27.42 15.32 10.51
N PHE B 79 27.69 15.73 11.76
CA PHE B 79 29.02 15.64 12.33
C PHE B 79 28.93 15.36 13.82
N VAL B 80 29.97 14.74 14.36
CA VAL B 80 30.09 14.51 15.80
C VAL B 80 31.13 15.49 16.33
N THR B 81 30.78 16.23 17.37
CA THR B 81 31.70 17.18 17.99
C THR B 81 32.81 16.45 18.73
N ASP B 82 34.01 17.04 18.73
CA ASP B 82 35.16 16.49 19.45
C ASP B 82 34.95 16.53 20.95
N MET B 83 34.40 17.63 21.45
CA MET B 83 34.11 17.79 22.88
C MET B 83 32.73 17.24 23.22
N PRO B 84 32.56 16.79 24.48
CA PRO B 84 31.23 16.38 24.94
C PRO B 84 30.49 17.49 25.69
N ASP B 85 29.25 17.23 26.08
CA ASP B 85 28.47 18.10 26.97
C ASP B 85 28.36 19.56 26.50
N VAL B 86 28.58 20.50 27.41
CA VAL B 86 28.42 21.93 27.12
C VAL B 86 29.46 22.44 26.10
N SER B 87 30.70 22.01 26.27
CA SER B 87 31.77 22.36 25.33
C SER B 87 31.45 21.84 23.92
N GLY B 88 30.90 20.64 23.84
CA GLY B 88 30.47 20.04 22.57
C GLY B 88 29.30 20.77 21.95
N TYR B 89 28.34 21.17 22.78
CA TYR B 89 27.19 21.96 22.34
C TYR B 89 27.65 23.27 21.73
N TYR B 90 28.55 23.96 22.43
CA TYR B 90 29.18 25.19 21.94
C TYR B 90 29.85 24.94 20.58
N GLU B 91 30.60 23.84 20.49
CA GLU B 91 31.31 23.45 19.28
C GLU B 91 30.36 23.25 18.09
N ALA B 92 29.23 22.58 18.34
CA ALA B 92 28.23 22.29 17.31
C ALA B 92 27.57 23.56 16.76
N VAL B 93 27.14 24.45 17.67
CA VAL B 93 26.52 25.71 17.28
C VAL B 93 27.49 26.58 16.48
N GLN B 94 28.72 26.67 16.98
CA GLN B 94 29.79 27.44 16.33
C GLN B 94 30.13 26.88 14.93
N ASN B 95 30.08 25.56 14.79
CA ASN B 95 30.32 24.92 13.49
C ASN B 95 29.08 24.92 12.57
N GLY B 96 28.06 25.68 12.94
CA GLY B 96 26.89 25.88 12.09
C GLY B 96 25.87 24.75 12.07
N ALA B 97 25.76 24.02 13.17
CA ALA B 97 24.71 23.00 13.31
C ALA B 97 23.35 23.69 13.29
N GLU B 98 22.45 23.16 12.46
CA GLU B 98 21.10 23.71 12.35
C GLU B 98 20.17 22.93 13.26
N ILE B 99 20.45 21.63 13.39
CA ILE B 99 19.74 20.76 14.33
C ILE B 99 20.76 20.15 15.29
N ILE B 100 20.43 20.19 16.60
CA ILE B 100 21.25 19.56 17.62
C ILE B 100 20.65 18.21 18.01
N LEU B 101 21.48 17.17 18.00
CA LEU B 101 21.09 15.84 18.41
C LEU B 101 21.93 15.45 19.63
N MET B 102 21.27 15.14 20.75
CA MET B 102 21.97 14.73 21.98
C MET B 102 21.07 13.96 22.95
N ALA B 103 21.70 13.14 23.80
CA ALA B 103 20.96 12.29 24.73
C ALA B 103 21.67 12.07 26.05
N ASP B 104 20.92 12.18 27.15
CA ASP B 104 21.33 11.59 28.41
C ASP B 104 20.52 10.31 28.65
N ASP B 105 20.54 9.78 29.86
CA ASP B 105 19.88 8.50 30.13
C ASP B 105 18.35 8.57 30.20
N ARG B 106 17.80 9.78 30.33
CA ARG B 106 16.35 9.98 30.39
C ARG B 106 15.75 10.63 29.14
N THR B 107 16.52 11.46 28.45
CA THR B 107 16.01 12.23 27.31
C THR B 107 16.94 12.17 26.11
N PHE B 108 16.38 11.82 24.96
CA PHE B 108 17.07 11.93 23.68
C PHE B 108 16.27 12.92 22.84
N LEU B 109 16.90 14.04 22.48
CA LEU B 109 16.20 15.11 21.77
C LEU B 109 16.85 15.51 20.44
N ALA B 110 16.04 16.14 19.59
CA ALA B 110 16.51 16.86 18.42
C ALA B 110 15.99 18.27 18.54
N HIS B 111 16.87 19.26 18.43
CA HIS B 111 16.45 20.65 18.51
C HIS B 111 16.85 21.42 17.26
N ASN B 112 15.85 21.85 16.51
CA ASN B 112 16.05 22.67 15.31
C ASN B 112 16.19 24.13 15.72
N LEU B 113 17.41 24.64 15.66
CA LEU B 113 17.71 26.02 16.05
C LEU B 113 17.15 27.09 15.10
N LYS B 114 16.84 26.68 13.87
CA LYS B 114 16.30 27.59 12.85
C LYS B 114 14.84 27.95 13.11
N ASN B 115 14.01 26.94 13.38
CA ASN B 115 12.57 27.15 13.57
C ASN B 115 12.08 26.95 15.01
N GLY B 116 12.98 26.51 15.89
CA GLY B 116 12.66 26.34 17.31
C GLY B 116 11.95 25.06 17.68
N LYS B 117 11.75 24.16 16.71
CA LYS B 117 11.08 22.89 16.97
C LYS B 117 11.98 21.92 17.71
N MET B 118 11.42 21.21 18.67
CA MET B 118 12.17 20.24 19.46
C MET B 118 11.41 18.93 19.56
N ALA B 119 12.13 17.82 19.36
CA ALA B 119 11.53 16.49 19.37
C ALA B 119 12.07 15.64 20.52
N ASN B 120 11.20 14.81 21.09
CA ASN B 120 11.60 13.80 22.08
C ASN B 120 11.54 12.42 21.43
N ASN B 121 12.60 11.65 21.61
CA ASN B 121 12.71 10.30 21.01
C ASN B 121 11.53 9.38 21.29
N GLN B 122 10.99 9.45 22.51
CA GLN B 122 9.96 8.51 22.94
C GLN B 122 8.62 8.66 22.20
N PRO B 123 7.97 9.85 22.24
CA PRO B 123 6.75 9.98 21.43
C PRO B 123 6.99 9.87 19.93
N CYS B 124 8.14 10.36 19.45
CA CYS B 124 8.48 10.27 18.03
C CYS B 124 8.64 8.83 17.54
N THR B 125 9.19 7.98 18.41
CA THR B 125 9.35 6.55 18.10
C THR B 125 7.99 5.84 18.10
N GLY B 126 7.19 6.10 19.14
CA GLY B 126 5.83 5.55 19.22
C GLY B 126 4.99 5.89 18.02
N ILE B 127 4.98 7.17 17.65
CA ILE B 127 4.18 7.67 16.53
C ILE B 127 4.57 6.99 15.20
N ILE B 128 5.87 6.92 14.91
CA ILE B 128 6.32 6.34 13.63
C ILE B 128 6.09 4.82 13.54
N TYR B 129 6.35 4.09 14.62
CA TYR B 129 6.11 2.65 14.60
C TYR B 129 4.62 2.33 14.47
N ALA B 130 3.79 3.15 15.11
CA ALA B 130 2.33 3.05 14.96
C ALA B 130 1.88 3.42 13.55
N GLU B 131 2.52 4.46 12.99
CA GLU B 131 2.24 4.90 11.62
C GLU B 131 2.56 3.82 10.59
N ILE B 132 3.72 3.19 10.72
CA ILE B 132 4.11 2.09 9.85
C ILE B 132 3.09 0.96 9.89
N ALA B 133 2.71 0.57 11.11
CA ALA B 133 1.69 -0.46 11.33
C ALA B 133 0.36 -0.11 10.68
N SER B 134 -0.05 1.15 10.83
CA SER B 134 -1.32 1.63 10.29
C SER B 134 -1.37 1.65 8.76
N ARG B 135 -0.20 1.68 8.12
CA ARG B 135 -0.10 1.77 6.67
C ARG B 135 0.17 0.41 6.03
N TYR B 136 -0.15 -0.66 6.75
CA TYR B 136 -0.06 -2.03 6.23
C TYR B 136 -1.06 -2.20 5.09
N LEU B 137 -0.52 -2.43 3.89
CA LEU B 137 -1.31 -2.51 2.66
C LEU B 137 -2.29 -3.69 2.64
N LYS B 138 -1.91 -4.79 3.26
CA LYS B 138 -2.71 -6.01 3.20
C LYS B 138 -3.48 -6.31 4.49
N ALA B 139 -3.75 -5.27 5.27
CA ALA B 139 -4.57 -5.39 6.47
C ALA B 139 -6.01 -5.74 6.09
N ASP B 140 -6.65 -6.59 6.89
CA ASP B 140 -8.03 -7.01 6.61
C ASP B 140 -9.07 -6.26 7.44
N SER B 141 -8.61 -5.50 8.43
CA SER B 141 -9.50 -4.69 9.26
C SER B 141 -8.78 -3.48 9.88
N LYS B 142 -9.57 -2.63 10.53
CA LYS B 142 -9.07 -1.45 11.25
C LYS B 142 -8.72 -1.77 12.71
N ASP B 143 -8.79 -3.05 13.06
CA ASP B 143 -8.44 -3.51 14.41
C ASP B 143 -6.93 -3.49 14.60
N VAL B 144 -6.48 -2.86 15.68
CA VAL B 144 -5.06 -2.80 16.02
C VAL B 144 -4.86 -3.07 17.52
N LEU B 145 -3.92 -3.96 17.82
CA LEU B 145 -3.56 -4.27 19.21
C LEU B 145 -2.31 -3.47 19.59
N VAL B 146 -2.41 -2.71 20.67
CA VAL B 146 -1.26 -2.01 21.25
C VAL B 146 -0.89 -2.63 22.58
N VAL B 147 0.31 -3.21 22.65
CA VAL B 147 0.82 -3.79 23.89
C VAL B 147 1.96 -2.93 24.42
N GLY B 148 1.71 -2.29 25.56
CA GLY B 148 2.65 -1.35 26.15
C GLY B 148 2.16 0.07 25.92
N LEU B 149 1.79 0.73 27.01
CA LEU B 149 1.21 2.07 26.93
C LEU B 149 2.00 3.10 27.74
N GLY B 150 3.32 2.93 27.77
CA GLY B 150 4.21 3.86 28.48
C GLY B 150 4.57 5.08 27.66
N LYS B 151 5.82 5.53 27.78
CA LYS B 151 6.27 6.76 27.11
C LYS B 151 6.32 6.65 25.59
N VAL B 152 6.58 5.44 25.09
CA VAL B 152 6.57 5.17 23.66
C VAL B 152 5.17 4.73 23.19
N GLY B 153 4.59 3.79 23.93
CA GLY B 153 3.31 3.17 23.55
C GLY B 153 2.08 4.07 23.54
N PHE B 154 1.95 4.93 24.55
CA PHE B 154 0.80 5.83 24.67
C PHE B 154 0.66 6.79 23.47
N PRO B 155 1.74 7.50 23.10
CA PRO B 155 1.65 8.37 21.91
C PRO B 155 1.38 7.59 20.62
N GLY B 156 1.86 6.34 20.57
CA GLY B 156 1.57 5.44 19.45
C GLY B 156 0.08 5.13 19.36
N ALA B 157 -0.49 4.72 20.50
CA ALA B 157 -1.92 4.44 20.60
C ALA B 157 -2.78 5.66 20.28
N GLU B 158 -2.37 6.83 20.79
CA GLU B 158 -3.06 8.10 20.53
C GLU B 158 -3.09 8.43 19.03
N HIS B 159 -1.96 8.25 18.37
CA HIS B 159 -1.84 8.48 16.92
C HIS B 159 -2.79 7.58 16.13
N LEU B 160 -2.88 6.31 16.54
CA LEU B 160 -3.76 5.34 15.90
C LEU B 160 -5.24 5.66 16.08
N VAL B 161 -5.60 6.17 17.26
CA VAL B 161 -6.98 6.60 17.56
C VAL B 161 -7.37 7.79 16.68
N GLN B 162 -6.46 8.75 16.56
CA GLN B 162 -6.69 9.94 15.74
C GLN B 162 -6.77 9.62 14.24
N LYS B 163 -6.22 8.48 13.84
CA LYS B 163 -6.29 8.02 12.45
C LYS B 163 -7.50 7.12 12.18
N ASP B 164 -8.43 7.10 13.13
CA ASP B 164 -9.72 6.39 13.01
C ASP B 164 -9.63 4.86 13.03
N PHE B 165 -8.62 4.31 13.69
CA PHE B 165 -8.51 2.86 13.87
C PHE B 165 -9.28 2.41 15.11
N ARG B 166 -9.73 1.16 15.11
CA ARG B 166 -10.32 0.55 16.31
C ARG B 166 -9.19 -0.01 17.17
N VAL B 167 -8.79 0.77 18.17
CA VAL B 167 -7.58 0.47 18.94
C VAL B 167 -7.87 -0.31 20.22
N TYR B 168 -7.28 -1.50 20.30
CA TYR B 168 -7.29 -2.30 21.51
C TYR B 168 -5.96 -2.14 22.21
N GLY B 169 -6.01 -1.87 23.52
CA GLY B 169 -4.79 -1.62 24.29
C GLY B 169 -4.62 -2.51 25.50
N TYR B 170 -3.39 -2.93 25.74
CA TYR B 170 -3.05 -3.67 26.96
C TYR B 170 -1.71 -3.23 27.55
N ASP B 171 -1.70 -3.07 28.86
CA ASP B 171 -0.49 -2.82 29.63
C ASP B 171 -0.60 -3.60 30.94
N ALA B 172 0.50 -4.21 31.37
CA ALA B 172 0.54 -4.99 32.60
C ALA B 172 0.31 -4.13 33.84
N ASP B 173 0.65 -2.85 33.73
CA ASP B 173 0.34 -1.87 34.77
C ASP B 173 -1.10 -1.42 34.59
N GLU B 174 -1.95 -1.75 35.58
CA GLU B 174 -3.38 -1.44 35.54
C GLU B 174 -3.68 0.06 35.53
N THR B 175 -2.83 0.84 36.20
CA THR B 175 -2.97 2.29 36.28
C THR B 175 -2.86 2.93 34.89
N LEU B 176 -1.81 2.57 34.14
CA LEU B 176 -1.60 3.09 32.80
C LEU B 176 -2.64 2.62 31.80
N LEU B 177 -3.17 1.42 32.01
CA LEU B 177 -4.23 0.87 31.16
C LEU B 177 -5.53 1.66 31.33
N GLU B 178 -5.92 1.88 32.59
CA GLU B 178 -7.14 2.64 32.90
C GLU B 178 -7.04 4.09 32.48
N ARG B 179 -5.85 4.68 32.63
CA ARG B 179 -5.60 6.05 32.21
C ARG B 179 -5.65 6.21 30.69
N ALA B 180 -5.14 5.21 29.98
CA ALA B 180 -5.18 5.20 28.52
C ALA B 180 -6.61 5.06 27.99
N THR B 181 -7.39 4.18 28.62
CA THR B 181 -8.78 3.96 28.22
C THR B 181 -9.68 5.18 28.46
N SER B 182 -9.45 5.88 29.57
CA SER B 182 -10.24 7.06 29.92
C SER B 182 -9.87 8.29 29.08
N ASN B 183 -8.59 8.45 28.78
CA ASN B 183 -8.11 9.60 28.02
C ASN B 183 -8.16 9.44 26.51
N LEU B 184 -7.96 8.21 26.02
CA LEU B 184 -7.92 7.93 24.58
C LEU B 184 -9.18 7.27 24.04
N GLY B 185 -9.90 6.55 24.90
CA GLY B 185 -11.10 5.83 24.49
C GLY B 185 -10.79 4.51 23.82
N ILE B 186 -9.60 3.96 24.11
CA ILE B 186 -9.21 2.65 23.59
C ILE B 186 -9.97 1.54 24.31
N ILE B 187 -10.16 0.42 23.62
CA ILE B 187 -10.85 -0.73 24.18
C ILE B 187 -9.86 -1.58 24.98
N PRO B 188 -10.15 -1.79 26.29
CA PRO B 188 -9.26 -2.59 27.12
C PRO B 188 -9.20 -4.04 26.63
N PHE B 189 -8.01 -4.49 26.26
CA PHE B 189 -7.84 -5.85 25.78
C PHE B 189 -7.70 -6.81 26.95
N ASP B 190 -8.55 -7.85 26.94
CA ASP B 190 -8.52 -8.89 27.95
C ASP B 190 -7.82 -10.12 27.39
N PRO B 191 -6.64 -10.47 27.95
CA PRO B 191 -5.88 -11.65 27.52
C PRO B 191 -6.61 -12.97 27.80
N ALA B 192 -7.54 -12.95 28.75
CA ALA B 192 -8.36 -14.13 29.09
C ALA B 192 -9.29 -14.53 27.94
N ASN B 193 -9.84 -13.53 27.25
CA ASN B 193 -10.62 -13.75 26.04
C ASN B 193 -10.05 -12.98 24.84
N PRO B 194 -9.02 -13.55 24.18
CA PRO B 194 -8.32 -12.86 23.10
C PRO B 194 -8.97 -13.04 21.73
N LYS B 195 -8.68 -12.11 20.81
CA LYS B 195 -9.12 -12.23 19.42
C LYS B 195 -7.92 -12.00 18.49
N LYS B 196 -8.09 -12.35 17.22
CA LYS B 196 -6.99 -12.26 16.25
C LYS B 196 -6.84 -10.87 15.64
N PHE B 197 -5.58 -10.45 15.46
CA PHE B 197 -5.26 -9.14 14.90
C PHE B 197 -4.34 -9.29 13.70
N SER B 198 -4.50 -8.40 12.72
CA SER B 198 -3.59 -8.34 11.58
C SER B 198 -2.55 -7.23 11.77
N ILE B 199 -2.85 -6.27 12.65
CA ILE B 199 -1.95 -5.17 12.97
C ILE B 199 -1.65 -5.15 14.47
N ILE B 200 -0.37 -5.26 14.82
CA ILE B 200 0.05 -5.22 16.22
C ILE B 200 1.23 -4.27 16.44
N PHE B 201 1.07 -3.37 17.41
CA PHE B 201 2.12 -2.44 17.82
C PHE B 201 2.52 -2.69 19.27
N GLU B 202 3.77 -3.07 19.47
CA GLU B 202 4.28 -3.36 20.82
C GLU B 202 5.39 -2.41 21.23
N ALA B 203 5.27 -1.85 22.43
CA ALA B 203 6.28 -0.94 22.96
C ALA B 203 6.61 -1.29 24.42
N THR B 204 7.44 -2.32 24.57
CA THR B 204 7.71 -2.90 25.88
C THR B 204 9.16 -3.40 25.92
N PRO B 205 9.85 -3.25 27.09
CA PRO B 205 11.22 -3.77 27.23
C PRO B 205 11.28 -5.27 27.56
N CYS B 206 10.20 -6.00 27.26
CA CYS B 206 10.06 -7.40 27.67
C CYS B 206 9.80 -8.34 26.50
N ALA B 207 10.28 -9.57 26.64
CA ALA B 207 10.06 -10.61 25.64
C ALA B 207 8.73 -11.33 25.86
N ASN B 208 8.28 -12.07 24.85
CA ASN B 208 7.08 -12.92 24.92
C ASN B 208 5.84 -12.20 25.44
N THR B 209 5.59 -10.99 24.94
CA THR B 209 4.46 -10.16 25.37
C THR B 209 3.23 -10.30 24.47
N ILE B 210 3.42 -10.93 23.30
CA ILE B 210 2.32 -11.15 22.37
C ILE B 210 1.89 -12.61 22.40
N PRO B 211 0.71 -12.90 22.97
CA PRO B 211 0.20 -14.28 23.03
C PRO B 211 -0.07 -14.82 21.64
N GLU B 212 0.08 -16.13 21.48
CA GLU B 212 -0.13 -16.81 20.20
C GLU B 212 -1.56 -16.63 19.67
N ALA B 213 -2.54 -16.71 20.56
CA ALA B 213 -3.97 -16.62 20.21
C ALA B 213 -4.36 -15.26 19.61
N VAL B 214 -3.44 -14.30 19.66
CA VAL B 214 -3.64 -12.96 19.12
C VAL B 214 -3.15 -12.86 17.67
N LEU B 215 -2.26 -13.76 17.29
CA LEU B 215 -1.61 -13.72 15.99
C LEU B 215 -2.45 -14.35 14.88
N SER B 216 -2.47 -13.68 13.73
CA SER B 216 -2.99 -14.25 12.50
C SER B 216 -1.84 -14.38 11.51
N GLU B 217 -2.02 -15.19 10.47
CA GLU B 217 -0.96 -15.40 9.47
C GLU B 217 -0.62 -14.09 8.74
N ASN B 218 0.67 -13.88 8.51
CA ASN B 218 1.19 -12.69 7.82
C ASN B 218 0.89 -11.34 8.48
N CYS B 219 0.57 -11.36 9.77
CA CYS B 219 0.24 -10.12 10.49
C CYS B 219 1.48 -9.26 10.68
N VAL B 220 1.26 -7.95 10.82
CA VAL B 220 2.35 -7.02 11.07
C VAL B 220 2.56 -6.83 12.56
N LEU B 221 3.81 -7.00 12.99
CA LEU B 221 4.21 -6.64 14.34
C LEU B 221 5.24 -5.50 14.24
N SER B 222 4.82 -4.31 14.67
CA SER B 222 5.67 -3.14 14.65
C SER B 222 6.09 -2.85 16.09
N THR B 223 7.38 -3.06 16.37
CA THR B 223 7.88 -2.93 17.74
C THR B 223 9.27 -2.30 17.83
N PRO B 224 9.39 -1.17 18.57
CA PRO B 224 10.70 -0.63 18.90
C PRO B 224 11.31 -1.31 20.13
N GLY B 225 10.51 -2.09 20.85
CA GLY B 225 10.92 -2.70 22.12
C GLY B 225 12.05 -3.70 22.03
N ILE B 226 12.90 -3.71 23.04
CA ILE B 226 14.06 -4.60 23.13
C ILE B 226 14.06 -5.30 24.49
N PRO B 227 14.13 -6.66 24.52
CA PRO B 227 14.18 -7.60 23.39
C PRO B 227 12.83 -7.80 22.69
N CYS B 228 12.79 -8.70 21.72
CA CYS B 228 11.63 -8.87 20.84
C CYS B 228 10.37 -9.43 21.53
N ALA B 229 9.24 -8.81 21.20
CA ALA B 229 7.91 -9.17 21.72
C ALA B 229 7.50 -10.60 21.40
N ILE B 230 8.10 -11.15 20.34
CA ILE B 230 7.74 -12.48 19.85
C ILE B 230 9.00 -13.34 19.71
N SER B 231 8.86 -14.65 19.96
CA SER B 231 9.97 -15.59 19.78
C SER B 231 10.21 -15.86 18.30
N GLU B 232 11.39 -16.39 17.98
CA GLU B 232 11.72 -16.75 16.60
C GLU B 232 10.82 -17.85 16.07
N GLU B 233 10.44 -18.79 16.94
CA GLU B 233 9.56 -19.90 16.57
C GLU B 233 8.16 -19.41 16.17
N LEU B 234 7.57 -18.54 16.99
CA LEU B 234 6.24 -17.99 16.71
C LEU B 234 6.24 -17.07 15.48
N ARG B 235 7.35 -16.35 15.28
CA ARG B 235 7.54 -15.45 14.15
C ARG B 235 7.53 -16.23 12.83
N ASP B 236 8.21 -17.38 12.83
CA ASP B 236 8.28 -18.24 11.65
C ASP B 236 6.98 -18.99 11.41
N LYS B 237 6.32 -19.43 12.49
CA LYS B 237 5.09 -20.21 12.41
C LYS B 237 3.95 -19.43 11.74
N TYR B 238 3.85 -18.14 12.06
CA TYR B 238 2.76 -17.30 11.56
C TYR B 238 3.19 -16.37 10.44
N GLU B 239 4.44 -16.52 9.98
CA GLU B 239 5.04 -15.65 8.97
C GLU B 239 4.83 -14.18 9.27
N VAL B 240 5.15 -13.80 10.52
CA VAL B 240 4.96 -12.44 11.01
C VAL B 240 5.89 -11.47 10.29
N GLN B 241 5.33 -10.35 9.85
CA GLN B 241 6.10 -9.29 9.21
C GLN B 241 6.58 -8.31 10.27
N LEU B 242 7.85 -8.46 10.65
CA LEU B 242 8.41 -7.75 11.79
C LEU B 242 9.04 -6.42 11.38
N ILE B 243 8.59 -5.35 12.04
CA ILE B 243 9.23 -4.05 11.93
C ILE B 243 9.91 -3.75 13.27
N ALA B 244 11.22 -3.99 13.33
CA ALA B 244 12.00 -3.82 14.55
C ALA B 244 13.42 -3.37 14.23
N GLU B 245 13.81 -2.26 14.84
CA GLU B 245 15.12 -1.65 14.62
C GLU B 245 15.48 -0.82 15.87
N PRO B 246 16.75 -0.86 16.29
CA PRO B 246 17.12 -0.30 17.61
C PRO B 246 17.17 1.23 17.76
N LEU B 247 17.36 1.98 16.67
CA LEU B 247 17.61 3.42 16.80
C LEU B 247 17.24 4.31 15.61
N GLY B 248 17.52 3.83 14.39
CA GLY B 248 17.36 4.61 13.16
C GLY B 248 15.98 5.14 12.84
N ILE B 249 14.97 4.28 12.95
CA ILE B 249 13.59 4.65 12.62
C ILE B 249 13.10 5.77 13.55
N GLY B 250 13.32 5.60 14.85
CA GLY B 250 12.97 6.62 15.84
C GLY B 250 13.72 7.92 15.63
N THR B 251 14.99 7.82 15.25
CA THR B 251 15.81 9.00 14.95
C THR B 251 15.30 9.74 13.71
N ALA B 252 14.96 8.99 12.66
CA ALA B 252 14.39 9.57 11.44
C ALA B 252 13.12 10.35 11.76
N SER B 253 12.29 9.78 12.62
CA SER B 253 11.04 10.41 13.06
C SER B 253 11.28 11.74 13.77
N MET B 254 12.27 11.77 14.66
CA MET B 254 12.63 13.00 15.38
C MET B 254 13.05 14.13 14.43
N LEU B 255 13.93 13.79 13.49
CA LEU B 255 14.51 14.78 12.57
C LEU B 255 13.46 15.36 11.62
N TYR B 256 12.62 14.49 11.06
CA TYR B 256 11.55 14.95 10.18
C TYR B 256 10.46 15.73 10.92
N SER B 257 10.26 15.43 12.20
CA SER B 257 9.27 16.16 13.00
C SER B 257 9.68 17.61 13.29
N VAL B 258 10.97 17.90 13.18
CA VAL B 258 11.46 19.25 13.49
C VAL B 258 11.83 20.09 12.26
N LEU B 259 11.72 19.49 11.07
CA LEU B 259 12.03 20.18 9.83
C LEU B 259 10.94 21.18 9.43
PA NAD C . -18.33 4.78 -23.05
O1A NAD C . -19.30 5.90 -22.79
O2A NAD C . -17.21 4.98 -24.04
O5B NAD C . -19.15 3.47 -23.50
C5B NAD C . -20.28 3.01 -22.79
C4B NAD C . -21.28 2.48 -23.80
O4B NAD C . -22.34 1.77 -23.17
C3B NAD C . -21.92 3.62 -24.58
O3B NAD C . -21.59 3.46 -25.96
C2B NAD C . -23.41 3.47 -24.36
O2B NAD C . -24.17 3.68 -25.56
C1B NAD C . -23.54 2.03 -23.90
N9A NAD C . -24.75 1.77 -23.10
C8A NAD C . -25.25 2.53 -22.09
N7A NAD C . -26.38 1.96 -21.58
C5A NAD C . -26.62 0.84 -22.27
C6A NAD C . -27.64 -0.23 -22.25
N6A NAD C . -28.67 -0.21 -21.38
N1A NAD C . -27.51 -1.24 -23.16
C2A NAD C . -26.49 -1.29 -24.03
N3A NAD C . -25.53 -0.34 -24.10
C4A NAD C . -25.54 0.72 -23.27
O3 NAD C . -17.72 4.33 -21.63
PN NAD C . -16.38 3.45 -21.54
O1N NAD C . -15.20 4.39 -21.52
O2N NAD C . -16.44 2.33 -22.56
O5D NAD C . -16.50 2.79 -20.08
C5D NAD C . -17.56 1.91 -19.73
C4D NAD C . -17.62 1.73 -18.21
O4D NAD C . -16.44 1.08 -17.73
C3D NAD C . -17.70 3.06 -17.47
O3D NAD C . -18.60 2.87 -16.37
C2D NAD C . -16.30 3.29 -16.94
O2D NAD C . -16.28 4.10 -15.76
C1D NAD C . -15.87 1.85 -16.67
N1N NAD C . -14.42 1.61 -16.58
C2N NAD C . -14.03 0.77 -15.61
C3N NAD C . -12.69 0.44 -15.42
C7N NAD C . -12.31 -0.53 -14.34
O7N NAD C . -11.14 -0.76 -14.12
N7N NAD C . -13.28 -1.15 -13.65
C4N NAD C . -11.74 1.03 -16.27
C5N NAD C . -12.18 1.91 -17.27
C6N NAD C . -13.54 2.19 -17.41
NA NA D . -22.72 -1.33 -15.86
MG MG E . -10.50 -3.11 -13.17
PA NAI F . 8.11 2.45 29.55
O1A NAI F . 8.66 1.79 30.78
O2A NAI F . 7.74 3.91 29.59
O5B NAI F . 6.83 1.63 29.00
C5B NAI F . 6.85 0.22 28.90
C4B NAI F . 5.49 -0.30 29.31
O4B NAI F . 5.29 -1.67 28.93
C3B NAI F . 5.31 -0.24 30.82
O3B NAI F . 4.26 0.70 31.11
C2B NAI F . 4.95 -1.64 31.25
O2B NAI F . 3.87 -1.64 32.20
C1B NAI F . 4.53 -2.32 29.95
N9A NAI F . 4.75 -3.79 29.97
C8A NAI F . 5.84 -4.46 30.40
N7A NAI F . 5.68 -5.80 30.27
C5A NAI F . 4.46 -6.01 29.73
C6A NAI F . 3.64 -7.18 29.33
N6A NAI F . 4.11 -8.45 29.47
N1A NAI F . 2.41 -6.95 28.82
C2A NAI F . 1.92 -5.71 28.67
N3A NAI F . 2.60 -4.60 29.02
C4A NAI F . 3.85 -4.68 29.54
O3 NAI F . 9.18 2.22 28.36
PN NAI F . 9.15 3.10 27.03
O1N NAI F . 9.94 4.37 27.26
O2N NAI F . 7.72 3.22 26.56
O5D NAI F . 9.97 2.20 25.98
C5D NAI F . 9.49 0.92 25.55
C4D NAI F . 10.59 0.12 24.86
O4D NAI F . 10.95 0.73 23.62
C3D NAI F . 11.88 0.07 25.68
O3D NAI F . 12.40 -1.25 25.58
C2D NAI F . 12.82 1.03 25.00
O2D NAI F . 14.18 0.63 25.17
C1D NAI F . 12.36 0.92 23.55
N1N NAI F . 12.70 2.07 22.70
C2N NAI F . 13.15 1.79 21.46
C3N NAI F . 13.49 2.78 20.55
C7N NAI F . 13.97 2.38 19.19
O7N NAI F . 14.35 3.22 18.40
N7N NAI F . 13.98 1.09 18.85
C4N NAI F . 13.35 4.24 20.92
C5N NAI F . 12.84 4.42 22.29
C6N NAI F . 12.54 3.34 23.12
C4 1J1 G . 22.86 7.79 26.22
C5 1J1 G . 21.64 7.26 25.49
C6 1J1 G . 20.90 6.22 26.34
C10 1J1 G . 19.03 5.21 25.31
C13 1J1 G . 17.20 5.09 22.22
O8 1J1 G . 26.08 10.53 24.40
C1 1J1 G . 26.04 9.34 24.80
O9 1J1 G . 26.77 8.44 24.32
C2 1J1 G . 25.08 8.96 25.90
N18 1J1 G . 24.90 10.05 26.90
C3 1J1 G . 23.75 8.59 25.27
N7 1J1 G . 19.45 6.27 26.06
O16 1J1 G . 19.70 4.19 25.21
C11 1J1 G . 17.70 5.31 24.61
C12 1J1 G . 17.86 5.99 23.26
C14 1J1 G . 16.76 3.82 22.94
N17 1J1 G . 17.12 3.97 24.37
NA NA H . 9.50 -6.13 23.78
MG MG I . 14.09 2.80 15.83
#